data_7CCF
#
_entry.id   7CCF
#
_cell.length_a   86.552
_cell.length_b   86.552
_cell.length_c   122.431
_cell.angle_alpha   90.000
_cell.angle_beta   90.000
_cell.angle_gamma   90.000
#
_symmetry.space_group_name_H-M   'P 43 21 2'
#
loop_
_entity.id
_entity.type
_entity.pdbx_description
1 polymer 'Cytochrome P450'
2 non-polymer 'PROTOPORPHYRIN IX CONTAINING FE'
3 non-polymer '(3-ethylphenyl) dihydrogen phosphate'
4 water water
#
_entity_poly.entity_id   1
_entity_poly.type   'polypeptide(L)'
_entity_poly.pdbx_seq_one_letter_code
;MHHHHHHSSGLVPRGSGMKETAAAKFERQHMDSPDLGTDDDDKAMADIGSTSHHGYQPFDMHNPFPAYKELRQEEPVMFD
ERIGYWVVTKYDDIKTTFDDWETFSSENAQAPVRKRGPQATQIMTDGGFTAYSGLSARIPPEHTRIRAIAQKAFTPRRYK
ALEPDIRAMVIDRVEKMLANDQHVGDMVSDLAYDIPTITILTLIGADISMVDTYKRWSDSRAAMTWGDLSDEEQIPHAHN
LVEYWQECQRMVADAHAHGGDNLTADLVRAQQEGQEITDHEIASLLYSLLFAGHETTTTLISNCFRVLLDHPEQWQAILE
NPKLIPAAVDEVLRYSGSIVGWRRKALKDTEIGGVAIKEGDGVLLLMGSANRDEARFENGEEFDISRANAREHLSFGFGI
HYCLGNMLAKLQAKICLEEVTRLVPSLHLVADKAIGFRENLSFRVPTSVPVTWNA
;
_entity_poly.pdbx_strand_id   A
#
loop_
_chem_comp.id
_chem_comp.type
_chem_comp.name
_chem_comp.formula
FW6 non-polymer '(3-ethylphenyl) dihydrogen phosphate' 'C8 H11 O4 P'
HEM non-polymer 'PROTOPORPHYRIN IX CONTAINING FE' 'C34 H32 Fe N4 O4'
#
# COMPACT_ATOMS: atom_id res chain seq x y z
N THR A 51 -15.60 -23.71 -1.53
CA THR A 51 -16.23 -24.27 -0.34
C THR A 51 -15.18 -24.77 0.65
N SER A 52 -13.91 -24.54 0.33
CA SER A 52 -12.80 -24.93 1.18
C SER A 52 -12.30 -23.73 1.97
N HIS A 53 -11.79 -24.00 3.17
CA HIS A 53 -11.29 -22.97 4.08
C HIS A 53 -12.30 -21.85 4.24
N HIS A 54 -13.57 -22.24 4.42
CA HIS A 54 -14.69 -21.32 4.64
C HIS A 54 -14.87 -20.33 3.50
N GLY A 55 -14.38 -20.66 2.30
CA GLY A 55 -14.47 -19.78 1.15
C GLY A 55 -13.28 -18.88 0.95
N TYR A 56 -12.35 -18.83 1.90
CA TYR A 56 -11.19 -17.97 1.78
C TYR A 56 -10.30 -18.41 0.63
N GLN A 57 -10.12 -17.53 -0.34
CA GLN A 57 -9.17 -17.76 -1.43
C GLN A 57 -8.02 -16.77 -1.28
N PRO A 58 -6.84 -17.23 -0.84
CA PRO A 58 -5.81 -16.27 -0.39
C PRO A 58 -5.42 -15.24 -1.43
N PHE A 59 -5.38 -15.61 -2.71
CA PHE A 59 -4.86 -14.69 -3.72
C PHE A 59 -5.94 -13.98 -4.52
N ASP A 60 -7.19 -14.42 -4.44
CA ASP A 60 -8.23 -13.72 -5.19
C ASP A 60 -8.67 -12.45 -4.47
N MET A 61 -8.50 -11.30 -5.13
CA MET A 61 -8.72 -10.00 -4.53
C MET A 61 -9.94 -9.29 -5.09
N HIS A 62 -10.88 -10.03 -5.69
CA HIS A 62 -12.00 -9.35 -6.31
C HIS A 62 -13.15 -9.10 -5.34
N ASN A 63 -13.39 -10.03 -4.41
CA ASN A 63 -14.45 -9.84 -3.42
C ASN A 63 -14.25 -10.76 -2.23
N PRO A 64 -13.19 -10.58 -1.43
CA PRO A 64 -12.91 -11.52 -0.34
C PRO A 64 -13.75 -11.30 0.91
N PHE A 65 -14.67 -10.34 0.90
CA PHE A 65 -15.38 -9.93 2.11
C PHE A 65 -16.45 -10.91 2.57
N PRO A 66 -17.18 -11.60 1.67
CA PRO A 66 -18.01 -12.72 2.16
C PRO A 66 -17.20 -13.79 2.89
N ALA A 67 -16.04 -14.15 2.36
CA ALA A 67 -15.19 -15.13 3.03
C ALA A 67 -14.66 -14.59 4.35
N TYR A 68 -14.27 -13.31 4.38
CA TYR A 68 -13.89 -12.68 5.64
C TYR A 68 -15.00 -12.80 6.66
N LYS A 69 -16.25 -12.64 6.22
CA LYS A 69 -17.38 -12.58 7.16
C LYS A 69 -17.63 -13.93 7.80
N GLU A 70 -17.56 -15.02 7.02
CA GLU A 70 -17.78 -16.33 7.61
C GLU A 70 -16.58 -16.78 8.43
N LEU A 71 -15.36 -16.35 8.06
CA LEU A 71 -14.20 -16.66 8.88
C LEU A 71 -14.33 -16.06 10.27
N ARG A 72 -14.81 -14.81 10.35
CA ARG A 72 -14.96 -14.16 11.65
C ARG A 72 -15.94 -14.92 12.55
N GLN A 73 -16.93 -15.59 11.96
CA GLN A 73 -17.93 -16.31 12.74
C GLN A 73 -17.53 -17.76 13.00
N GLU A 74 -16.97 -18.45 11.99
CA GLU A 74 -16.74 -19.88 12.09
C GLU A 74 -15.35 -20.23 12.61
N GLU A 75 -14.31 -19.59 12.06
CA GLU A 75 -12.93 -19.89 12.46
C GLU A 75 -12.11 -18.61 12.43
N PRO A 76 -12.21 -17.78 13.47
CA PRO A 76 -11.50 -16.49 13.47
C PRO A 76 -9.99 -16.65 13.38
N VAL A 77 -9.43 -17.73 13.89
CA VAL A 77 -7.99 -18.01 13.80
C VAL A 77 -7.87 -19.35 13.08
N MET A 78 -7.68 -19.30 11.77
CA MET A 78 -7.64 -20.48 10.93
C MET A 78 -6.24 -20.65 10.35
N PHE A 79 -5.72 -21.87 10.42
CA PHE A 79 -4.45 -22.19 9.77
C PHE A 79 -4.73 -22.59 8.33
N ASP A 80 -4.09 -21.90 7.39
CA ASP A 80 -4.24 -22.13 5.96
C ASP A 80 -2.97 -22.78 5.45
N GLU A 81 -3.02 -24.09 5.23
CA GLU A 81 -1.86 -24.83 4.74
C GLU A 81 -1.48 -24.43 3.32
N ARG A 82 -2.42 -23.88 2.54
CA ARG A 82 -2.12 -23.49 1.17
C ARG A 82 -1.11 -22.36 1.09
N ILE A 83 -0.95 -21.59 2.16
CA ILE A 83 0.02 -20.50 2.19
C ILE A 83 0.98 -20.60 3.36
N GLY A 84 0.65 -21.35 4.42
CA GLY A 84 1.53 -21.52 5.55
C GLY A 84 1.32 -20.53 6.68
N TYR A 85 0.12 -19.97 6.83
CA TYR A 85 -0.11 -18.88 7.76
C TYR A 85 -1.35 -19.12 8.60
N TRP A 86 -1.30 -18.60 9.82
CA TRP A 86 -2.50 -18.47 10.65
C TRP A 86 -3.27 -17.24 10.19
N VAL A 87 -4.51 -17.44 9.77
CA VAL A 87 -5.33 -16.38 9.19
C VAL A 87 -6.23 -15.80 10.28
N VAL A 88 -6.06 -14.51 10.56
CA VAL A 88 -6.76 -13.83 11.63
C VAL A 88 -7.68 -12.77 11.03
N THR A 89 -8.96 -12.78 11.45
CA THR A 89 -9.98 -11.98 10.79
C THR A 89 -10.78 -11.06 11.71
N LYS A 90 -10.69 -11.19 13.03
CA LYS A 90 -11.44 -10.34 13.93
C LYS A 90 -10.58 -9.17 14.40
N TYR A 91 -11.25 -8.07 14.78
CA TYR A 91 -10.59 -6.79 14.93
C TYR A 91 -9.74 -6.73 16.20
N ASP A 92 -10.31 -7.12 17.34
CA ASP A 92 -9.53 -7.14 18.58
C ASP A 92 -8.29 -8.00 18.43
N ASP A 93 -8.48 -9.26 18.02
CA ASP A 93 -7.38 -10.17 17.74
C ASP A 93 -6.29 -9.51 16.90
N ILE A 94 -6.69 -8.79 15.86
CA ILE A 94 -5.71 -8.22 14.93
C ILE A 94 -5.01 -7.02 15.56
N LYS A 95 -5.77 -6.12 16.17
CA LYS A 95 -5.14 -4.95 16.80
C LYS A 95 -4.21 -5.36 17.93
N THR A 96 -4.59 -6.39 18.69
CA THR A 96 -3.72 -6.89 19.76
C THR A 96 -2.42 -7.44 19.19
N THR A 97 -2.49 -8.21 18.10
CA THR A 97 -1.29 -8.78 17.50
C THR A 97 -0.35 -7.69 17.00
N PHE A 98 -0.89 -6.65 16.36
CA PHE A 98 -0.07 -5.51 15.96
C PHE A 98 0.63 -4.89 17.14
N ASP A 99 -0.06 -4.77 18.28
CA ASP A 99 0.49 -4.02 19.40
C ASP A 99 1.66 -4.74 20.06
N ASP A 100 1.55 -6.07 20.23
CA ASP A 100 2.62 -6.81 20.89
C ASP A 100 3.68 -7.22 19.86
N TRP A 101 4.47 -6.22 19.48
CA TRP A 101 5.56 -6.43 18.54
C TRP A 101 6.64 -7.32 19.11
N GLU A 102 6.75 -7.41 20.45
CA GLU A 102 7.80 -8.22 21.07
C GLU A 102 7.51 -9.72 20.97
N THR A 103 6.25 -10.11 20.77
CA THR A 103 5.89 -11.50 20.52
C THR A 103 5.72 -11.80 19.04
N PHE A 104 5.12 -10.89 18.29
CA PHE A 104 4.84 -11.09 16.87
C PHE A 104 5.76 -10.19 16.08
N SER A 105 6.88 -10.75 15.65
CA SER A 105 7.86 -10.03 14.86
C SER A 105 7.33 -9.79 13.45
N SER A 106 7.72 -8.66 12.87
CA SER A 106 7.38 -8.33 11.50
C SER A 106 8.46 -8.76 10.52
N GLU A 107 9.45 -9.54 10.97
CA GLU A 107 10.62 -9.84 10.15
C GLU A 107 10.30 -10.65 8.91
N ASN A 108 9.10 -11.21 8.80
CA ASN A 108 8.70 -11.95 7.62
C ASN A 108 7.73 -11.18 6.73
N ALA A 109 7.49 -9.90 7.04
CA ALA A 109 6.53 -9.12 6.25
C ALA A 109 6.98 -8.96 4.80
N GLN A 110 8.28 -9.01 4.54
CA GLN A 110 8.81 -8.88 3.20
C GLN A 110 9.42 -10.17 2.67
N ALA A 111 9.33 -11.26 3.42
CA ALA A 111 9.72 -12.55 2.89
C ALA A 111 8.68 -13.01 1.87
N PRO A 112 9.10 -13.52 0.71
CA PRO A 112 8.12 -13.89 -0.33
C PRO A 112 7.20 -15.01 0.16
N VAL A 113 5.94 -14.93 -0.28
CA VAL A 113 4.97 -15.97 0.06
C VAL A 113 5.37 -17.29 -0.57
N ARG A 114 5.74 -17.27 -1.85
CA ARG A 114 6.22 -18.45 -2.55
C ARG A 114 7.74 -18.41 -2.58
N LYS A 115 8.36 -19.54 -2.25
CA LYS A 115 9.81 -19.61 -2.17
C LYS A 115 10.45 -19.18 -3.48
N ARG A 116 11.50 -18.37 -3.38
CA ARG A 116 12.22 -17.92 -4.57
C ARG A 116 12.89 -19.11 -5.24
N GLY A 117 12.66 -19.26 -6.54
CA GLY A 117 13.15 -20.39 -7.27
C GLY A 117 14.65 -20.36 -7.49
N PRO A 118 15.20 -21.46 -8.01
CA PRO A 118 16.64 -21.48 -8.28
C PRO A 118 17.07 -20.38 -9.23
N GLN A 119 16.26 -20.09 -10.24
CA GLN A 119 16.69 -19.18 -11.29
C GLN A 119 16.65 -17.74 -10.82
N ALA A 120 15.58 -17.35 -10.12
CA ALA A 120 15.51 -16.00 -9.59
C ALA A 120 16.58 -15.77 -8.52
N THR A 121 16.94 -16.81 -7.76
CA THR A 121 17.98 -16.66 -6.75
C THR A 121 19.34 -16.41 -7.38
N GLN A 122 19.68 -17.17 -8.43
CA GLN A 122 20.92 -16.92 -9.14
C GLN A 122 20.93 -15.56 -9.81
N ILE A 123 19.81 -15.17 -10.42
CA ILE A 123 19.73 -13.86 -11.06
C ILE A 123 20.01 -12.76 -10.05
N MET A 124 19.28 -12.76 -8.93
CA MET A 124 19.40 -11.68 -7.97
C MET A 124 20.73 -11.71 -7.23
N THR A 125 21.32 -12.90 -7.06
CA THR A 125 22.63 -12.98 -6.43
C THR A 125 23.71 -12.44 -7.38
N ASP A 126 23.69 -12.86 -8.64
CA ASP A 126 24.64 -12.34 -9.62
C ASP A 126 24.42 -10.87 -9.91
N GLY A 127 23.23 -10.33 -9.63
CA GLY A 127 22.98 -8.93 -9.78
C GLY A 127 23.29 -8.08 -8.57
N GLY A 128 23.84 -8.69 -7.52
CA GLY A 128 24.17 -7.96 -6.32
C GLY A 128 22.98 -7.49 -5.52
N PHE A 129 21.83 -8.15 -5.66
CA PHE A 129 20.65 -7.79 -4.88
C PHE A 129 20.86 -8.19 -3.43
N THR A 130 20.99 -7.20 -2.54
CA THR A 130 21.19 -7.44 -1.12
C THR A 130 20.12 -6.74 -0.27
N ALA A 131 19.03 -6.30 -0.89
CA ALA A 131 17.95 -5.63 -0.18
C ALA A 131 16.98 -6.65 0.40
N TYR A 132 16.51 -6.38 1.61
CA TYR A 132 15.37 -7.10 2.15
C TYR A 132 14.22 -6.17 2.49
N SER A 133 14.46 -5.14 3.30
CA SER A 133 13.38 -4.31 3.81
C SER A 133 13.97 -3.03 4.36
N GLY A 134 13.43 -1.90 3.92
CA GLY A 134 13.81 -0.62 4.50
C GLY A 134 13.43 -0.55 5.97
N LEU A 135 12.14 -0.66 6.25
CA LEU A 135 11.70 -0.66 7.64
C LEU A 135 10.71 -1.76 8.00
N SER A 136 9.80 -2.10 7.09
CA SER A 136 8.58 -2.82 7.47
C SER A 136 8.88 -4.19 8.06
N ALA A 137 9.98 -4.83 7.63
CA ALA A 137 10.37 -6.12 8.19
C ALA A 137 11.60 -6.02 9.07
N ARG A 138 12.00 -4.81 9.45
CA ARG A 138 13.08 -4.64 10.40
C ARG A 138 12.54 -4.76 11.82
N ILE A 139 13.36 -5.28 12.72
CA ILE A 139 12.97 -5.42 14.12
C ILE A 139 13.94 -4.62 14.96
N PRO A 140 13.52 -4.18 16.15
CA PRO A 140 14.44 -3.47 17.04
C PRO A 140 15.64 -4.34 17.38
N PRO A 141 16.80 -3.73 17.66
CA PRO A 141 17.02 -2.29 17.73
C PRO A 141 17.21 -1.60 16.36
N GLU A 142 17.34 -2.40 15.30
CA GLU A 142 17.64 -1.83 13.98
C GLU A 142 16.50 -0.94 13.50
N HIS A 143 15.27 -1.44 13.57
CA HIS A 143 14.12 -0.67 13.09
C HIS A 143 13.99 0.65 13.83
N THR A 144 13.92 0.59 15.17
CA THR A 144 13.82 1.80 15.99
C THR A 144 14.89 2.81 15.60
N ARG A 145 16.13 2.34 15.46
CA ARG A 145 17.25 3.23 15.16
C ARG A 145 17.12 3.84 13.77
N ILE A 146 16.72 3.05 12.78
CA ILE A 146 16.63 3.53 11.42
C ILE A 146 15.39 4.41 11.22
N ARG A 147 14.27 4.02 11.85
CA ARG A 147 13.03 4.77 11.68
C ARG A 147 13.15 6.20 12.19
N ALA A 148 13.72 6.37 13.38
CA ALA A 148 13.85 7.71 13.96
C ALA A 148 14.69 8.62 13.06
N ILE A 149 15.71 8.06 12.39
CA ILE A 149 16.47 8.83 11.42
C ILE A 149 15.61 9.14 10.19
N ALA A 150 14.70 8.24 9.84
CA ALA A 150 13.85 8.47 8.68
C ALA A 150 12.82 9.58 8.93
N GLN A 151 12.19 9.57 10.12
CA GLN A 151 11.21 10.61 10.42
C GLN A 151 11.86 11.97 10.65
N LYS A 152 13.17 12.03 10.89
CA LYS A 152 13.87 13.30 10.95
C LYS A 152 14.21 13.85 9.57
N ALA A 153 13.95 13.09 8.51
CA ALA A 153 13.94 13.59 7.16
C ALA A 153 12.56 13.57 6.51
N PHE A 154 11.65 12.73 7.00
CA PHE A 154 10.25 12.72 6.56
C PHE A 154 9.44 13.74 7.34
N THR A 155 9.95 14.96 7.41
CA THR A 155 9.35 16.01 8.22
C THR A 155 8.07 16.51 7.55
N PRO A 156 6.92 16.49 8.22
CA PRO A 156 5.65 16.80 7.55
C PRO A 156 5.53 18.23 7.06
N ARG A 157 6.56 19.06 7.17
CA ARG A 157 6.52 20.32 6.45
C ARG A 157 6.64 20.12 4.95
N ARG A 158 7.41 19.11 4.54
CA ARG A 158 7.51 18.80 3.12
C ARG A 158 6.15 18.36 2.56
N TYR A 159 5.39 17.61 3.37
CA TYR A 159 4.02 17.27 3.04
C TYR A 159 3.24 18.48 2.55
N LYS A 160 3.05 19.46 3.44
CA LYS A 160 2.14 20.57 3.20
C LYS A 160 2.77 21.68 2.38
N ALA A 161 4.10 21.69 2.24
CA ALA A 161 4.76 22.74 1.48
C ALA A 161 4.39 22.68 0.01
N LEU A 162 4.32 21.48 -0.56
CA LEU A 162 4.04 21.31 -1.98
C LEU A 162 2.76 20.53 -2.20
N GLU A 163 1.74 20.77 -1.37
CA GLU A 163 0.38 20.46 -1.78
C GLU A 163 -0.02 21.21 -3.05
N PRO A 164 0.30 22.50 -3.24
CA PRO A 164 -0.17 23.19 -4.46
C PRO A 164 0.28 22.52 -5.75
N ASP A 165 1.53 22.03 -5.83
CA ASP A 165 1.96 21.36 -7.04
C ASP A 165 1.30 20.01 -7.22
N ILE A 166 0.82 19.40 -6.13
CA ILE A 166 -0.03 18.22 -6.25
C ILE A 166 -1.35 18.59 -6.92
N ARG A 167 -2.00 19.64 -6.42
CA ARG A 167 -3.29 20.05 -6.98
C ARG A 167 -3.13 20.51 -8.41
N ALA A 168 -2.09 21.28 -8.70
CA ALA A 168 -1.85 21.73 -10.07
C ALA A 168 -1.62 20.56 -11.01
N MET A 169 -1.13 19.43 -10.49
CA MET A 169 -0.87 18.27 -11.32
C MET A 169 -2.12 17.42 -11.53
N VAL A 170 -3.04 17.42 -10.55
CA VAL A 170 -4.31 16.73 -10.72
C VAL A 170 -5.13 17.42 -11.81
N ILE A 171 -5.25 18.75 -11.73
CA ILE A 171 -6.05 19.50 -12.70
C ILE A 171 -5.50 19.31 -14.10
N ASP A 172 -4.17 19.30 -14.24
CA ASP A 172 -3.55 18.96 -15.51
C ASP A 172 -4.05 17.61 -16.00
N ARG A 173 -4.02 16.60 -15.12
CA ARG A 173 -4.43 15.25 -15.52
C ARG A 173 -5.93 15.15 -15.74
N VAL A 174 -6.72 15.93 -15.01
CA VAL A 174 -8.17 15.89 -15.19
C VAL A 174 -8.55 16.48 -16.54
N GLU A 175 -7.86 17.54 -16.96
CA GLU A 175 -8.20 18.20 -18.21
C GLU A 175 -7.82 17.35 -19.41
N LYS A 176 -6.63 16.73 -19.37
CA LYS A 176 -6.23 15.85 -20.46
C LYS A 176 -7.16 14.65 -20.61
N MET A 177 -7.77 14.20 -19.51
CA MET A 177 -8.75 13.13 -19.59
C MET A 177 -10.04 13.62 -20.26
N LEU A 178 -10.47 14.84 -19.94
CA LEU A 178 -11.71 15.40 -20.47
C LEU A 178 -11.63 15.77 -21.94
N ALA A 179 -10.48 15.62 -22.58
CA ALA A 179 -10.29 16.03 -23.97
C ALA A 179 -9.70 14.87 -24.76
N ASN A 180 -10.56 14.08 -25.36
CA ASN A 180 -10.15 13.00 -26.25
C ASN A 180 -11.33 12.49 -27.07
N ASP A 181 -11.07 11.87 -28.22
CA ASP A 181 -12.10 11.32 -29.12
C ASP A 181 -13.30 10.68 -28.44
N GLN A 182 -13.03 9.76 -27.54
CA GLN A 182 -14.10 9.17 -26.80
C GLN A 182 -14.12 9.85 -25.47
N HIS A 183 -15.31 10.05 -24.98
CA HIS A 183 -15.48 10.69 -23.68
C HIS A 183 -15.60 9.63 -22.59
N VAL A 184 -14.54 8.85 -22.53
CA VAL A 184 -14.37 7.72 -21.63
C VAL A 184 -12.93 7.72 -21.15
N GLY A 185 -12.74 7.59 -19.83
CA GLY A 185 -11.41 7.62 -19.25
C GLY A 185 -11.18 6.43 -18.34
N ASP A 186 -9.96 6.36 -17.81
CA ASP A 186 -9.54 5.33 -16.87
C ASP A 186 -8.94 6.04 -15.67
N MET A 187 -9.61 5.95 -14.52
CA MET A 187 -9.13 6.67 -13.34
C MET A 187 -7.75 6.22 -12.89
N VAL A 188 -7.35 5.00 -13.23
CA VAL A 188 -6.01 4.52 -12.86
C VAL A 188 -4.96 5.19 -13.74
N SER A 189 -5.01 4.92 -15.04
CA SER A 189 -3.94 5.37 -15.93
C SER A 189 -4.01 6.88 -16.15
N ASP A 190 -5.23 7.43 -16.22
CA ASP A 190 -5.36 8.84 -16.53
C ASP A 190 -5.12 9.74 -15.31
N LEU A 191 -5.44 9.28 -14.11
CA LEU A 191 -5.20 10.08 -12.91
C LEU A 191 -4.28 9.41 -11.89
N ALA A 192 -4.62 8.20 -11.42
CA ALA A 192 -3.99 7.67 -10.22
C ALA A 192 -2.63 7.03 -10.48
N TYR A 193 -2.23 6.88 -11.73
CA TYR A 193 -0.97 6.23 -12.05
C TYR A 193 0.22 7.17 -11.86
N ASP A 194 0.06 8.44 -12.27
CA ASP A 194 1.16 9.40 -12.24
C ASP A 194 1.33 10.03 -10.87
N ILE A 195 0.25 10.63 -10.36
CA ILE A 195 0.27 11.61 -9.27
C ILE A 195 1.12 11.16 -8.09
N PRO A 196 0.83 10.04 -7.42
CA PRO A 196 1.65 9.69 -6.25
C PRO A 196 3.07 9.30 -6.63
N THR A 197 3.25 8.72 -7.82
CA THR A 197 4.59 8.35 -8.27
C THR A 197 5.49 9.58 -8.42
N ILE A 198 4.99 10.61 -9.11
CA ILE A 198 5.77 11.82 -9.30
C ILE A 198 6.04 12.49 -7.96
N THR A 199 5.06 12.47 -7.06
CA THR A 199 5.24 13.07 -5.74
C THR A 199 6.39 12.42 -4.99
N ILE A 200 6.42 11.08 -4.95
CA ILE A 200 7.46 10.40 -4.18
C ILE A 200 8.81 10.50 -4.90
N LEU A 201 8.82 10.57 -6.22
CA LEU A 201 10.08 10.74 -6.94
C LEU A 201 10.65 12.14 -6.73
N THR A 202 9.78 13.15 -6.63
CA THR A 202 10.25 14.51 -6.36
C THR A 202 10.75 14.65 -4.94
N LEU A 203 10.14 13.94 -3.98
CA LEU A 203 10.54 14.08 -2.59
C LEU A 203 11.88 13.42 -2.31
N ILE A 204 12.24 12.39 -3.07
CA ILE A 204 13.45 11.62 -2.80
C ILE A 204 14.57 12.09 -3.72
N GLY A 205 14.21 12.56 -4.91
CA GLY A 205 15.21 13.08 -5.82
C GLY A 205 15.48 12.19 -7.01
N ALA A 206 14.43 11.55 -7.52
CA ALA A 206 14.50 10.78 -8.75
C ALA A 206 13.96 11.59 -9.91
N ASP A 207 14.39 11.24 -11.11
CA ASP A 207 13.87 11.89 -12.30
C ASP A 207 12.42 11.49 -12.52
N ILE A 208 11.54 12.48 -12.57
CA ILE A 208 10.10 12.26 -12.68
C ILE A 208 9.76 11.82 -14.10
N SER A 209 10.77 11.70 -14.94
CA SER A 209 10.62 11.10 -16.26
C SER A 209 10.71 9.59 -16.21
N MET A 210 11.01 9.01 -15.04
CA MET A 210 11.11 7.56 -14.87
C MET A 210 9.88 6.98 -14.20
N VAL A 211 8.68 7.52 -14.50
CA VAL A 211 7.47 7.05 -13.84
C VAL A 211 7.16 5.61 -14.24
N ASP A 212 7.33 5.29 -15.52
CA ASP A 212 7.01 3.94 -16.00
C ASP A 212 8.05 2.91 -15.57
N THR A 213 9.29 3.32 -15.34
CA THR A 213 10.27 2.40 -14.79
C THR A 213 9.92 2.00 -13.36
N TYR A 214 9.47 2.97 -12.57
CA TYR A 214 9.21 2.71 -11.15
C TYR A 214 7.91 1.92 -10.96
N LYS A 215 6.93 2.09 -11.84
CA LYS A 215 5.73 1.26 -11.76
C LYS A 215 6.04 -0.16 -12.22
N ARG A 216 6.91 -0.31 -13.22
CA ARG A 216 7.35 -1.63 -13.63
C ARG A 216 8.13 -2.32 -12.52
N TRP A 217 8.91 -1.56 -11.75
CA TRP A 217 9.59 -2.12 -10.58
C TRP A 217 8.63 -2.37 -9.42
N SER A 218 7.52 -1.63 -9.35
CA SER A 218 6.56 -1.84 -8.28
C SER A 218 5.74 -3.09 -8.52
N ASP A 219 5.23 -3.27 -9.75
CA ASP A 219 4.50 -4.50 -10.07
C ASP A 219 5.36 -5.73 -9.83
N SER A 220 6.66 -5.63 -10.08
CA SER A 220 7.55 -6.76 -9.83
C SER A 220 7.67 -7.06 -8.35
N ARG A 221 7.96 -6.05 -7.54
CA ARG A 221 8.11 -6.27 -6.11
C ARG A 221 6.80 -6.77 -5.49
N ALA A 222 5.67 -6.25 -5.96
CA ALA A 222 4.38 -6.69 -5.43
C ALA A 222 4.06 -8.11 -5.88
N ALA A 223 4.57 -8.54 -7.02
CA ALA A 223 4.35 -9.90 -7.49
C ALA A 223 5.35 -10.88 -6.89
N MET A 224 6.63 -10.49 -6.82
CA MET A 224 7.66 -11.38 -6.29
C MET A 224 7.37 -11.76 -4.84
N THR A 225 6.83 -10.82 -4.06
CA THR A 225 6.74 -11.00 -2.62
C THR A 225 5.38 -11.50 -2.14
N TRP A 226 4.28 -11.07 -2.76
CA TRP A 226 2.95 -11.49 -2.33
C TRP A 226 2.16 -12.22 -3.41
N GLY A 227 2.76 -12.49 -4.57
CA GLY A 227 2.06 -13.16 -5.65
C GLY A 227 2.24 -14.66 -5.63
N ASP A 228 1.31 -15.35 -6.29
CA ASP A 228 1.37 -16.81 -6.43
C ASP A 228 2.19 -17.17 -7.67
N LEU A 229 3.48 -16.86 -7.58
CA LEU A 229 4.38 -16.99 -8.72
C LEU A 229 5.03 -18.37 -8.78
N SER A 230 5.20 -18.88 -10.00
CA SER A 230 5.99 -20.08 -10.23
C SER A 230 7.46 -19.70 -10.33
N ASP A 231 8.32 -20.71 -10.48
CA ASP A 231 9.75 -20.44 -10.56
C ASP A 231 10.11 -19.74 -11.86
N GLU A 232 9.39 -20.02 -12.94
CA GLU A 232 9.54 -19.25 -14.17
C GLU A 232 9.13 -17.80 -13.95
N GLU A 233 7.93 -17.58 -13.41
CA GLU A 233 7.32 -16.26 -13.34
C GLU A 233 8.09 -15.31 -12.45
N GLN A 234 9.03 -15.81 -11.64
CA GLN A 234 9.87 -14.95 -10.83
C GLN A 234 11.00 -14.31 -11.64
N ILE A 235 11.39 -14.94 -12.74
CA ILE A 235 12.55 -14.52 -13.53
C ILE A 235 12.42 -13.08 -14.00
N PRO A 236 11.34 -12.68 -14.72
CA PRO A 236 11.29 -11.29 -15.18
C PRO A 236 11.25 -10.29 -14.04
N HIS A 237 10.52 -10.59 -12.96
CA HIS A 237 10.54 -9.71 -11.80
C HIS A 237 11.89 -9.74 -11.08
N ALA A 238 12.60 -10.88 -11.15
CA ALA A 238 13.92 -10.96 -10.54
C ALA A 238 14.87 -9.94 -11.14
N HIS A 239 14.89 -9.83 -12.47
CA HIS A 239 15.73 -8.84 -13.13
C HIS A 239 15.34 -7.42 -12.71
N ASN A 240 14.03 -7.15 -12.67
CA ASN A 240 13.57 -5.82 -12.30
C ASN A 240 14.02 -5.42 -10.90
N LEU A 241 13.95 -6.35 -9.95
CA LEU A 241 14.39 -6.05 -8.60
C LEU A 241 15.90 -5.81 -8.54
N VAL A 242 16.66 -6.46 -9.41
CA VAL A 242 18.10 -6.19 -9.49
C VAL A 242 18.34 -4.79 -10.03
N GLU A 243 17.64 -4.43 -11.12
CA GLU A 243 17.72 -3.06 -11.64
C GLU A 243 17.34 -2.06 -10.55
N TYR A 244 16.23 -2.33 -9.87
CA TYR A 244 15.71 -1.41 -8.87
C TYR A 244 16.70 -1.21 -7.72
N TRP A 245 17.31 -2.30 -7.25
CA TRP A 245 18.28 -2.17 -6.17
C TRP A 245 19.53 -1.42 -6.61
N GLN A 246 19.96 -1.62 -7.86
CA GLN A 246 21.15 -0.92 -8.34
C GLN A 246 20.87 0.55 -8.56
N GLU A 247 19.62 0.93 -8.84
CA GLU A 247 19.31 2.36 -8.93
C GLU A 247 19.26 3.00 -7.55
N CYS A 248 18.71 2.29 -6.56
CA CYS A 248 18.72 2.81 -5.19
C CYS A 248 20.14 3.09 -4.73
N GLN A 249 21.07 2.20 -5.06
CA GLN A 249 22.46 2.42 -4.66
C GLN A 249 23.09 3.54 -5.48
N ARG A 250 22.71 3.67 -6.75
CA ARG A 250 23.28 4.73 -7.59
C ARG A 250 22.87 6.11 -7.10
N MET A 251 21.66 6.25 -6.57
CA MET A 251 21.21 7.54 -6.07
C MET A 251 21.90 7.92 -4.77
N VAL A 252 22.25 6.93 -3.94
CA VAL A 252 22.89 7.23 -2.67
C VAL A 252 24.33 7.68 -2.90
N ALA A 253 25.06 7.00 -3.78
CA ALA A 253 26.40 7.47 -4.14
C ALA A 253 26.35 8.86 -4.76
N ASP A 254 25.28 9.15 -5.52
CA ASP A 254 25.11 10.47 -6.11
C ASP A 254 25.01 11.55 -5.04
N ALA A 255 24.35 11.25 -3.92
CA ALA A 255 24.18 12.24 -2.87
C ALA A 255 25.48 12.54 -2.15
N HIS A 256 26.33 11.53 -1.98
CA HIS A 256 27.69 11.76 -1.48
C HIS A 256 28.44 12.71 -2.40
N ALA A 257 28.36 12.47 -3.71
CA ALA A 257 29.21 13.15 -4.68
C ALA A 257 28.72 14.55 -5.00
N HIS A 258 27.42 14.72 -5.22
CA HIS A 258 26.88 15.98 -5.72
C HIS A 258 25.80 16.59 -4.84
N GLY A 259 25.50 15.98 -3.69
CA GLY A 259 24.54 16.58 -2.78
C GLY A 259 23.13 16.58 -3.33
N GLY A 260 22.34 17.55 -2.89
CA GLY A 260 21.00 17.72 -3.41
C GLY A 260 20.14 18.54 -2.47
N ASP A 261 18.83 18.40 -2.65
CA ASP A 261 17.82 19.04 -1.81
C ASP A 261 16.63 18.08 -1.77
N ASN A 262 16.72 17.09 -0.88
CA ASN A 262 15.78 15.96 -0.93
C ASN A 262 16.12 14.94 0.16
N LEU A 263 15.22 13.96 0.30
CA LEU A 263 15.37 12.90 1.29
C LEU A 263 16.72 12.19 1.15
N THR A 264 17.08 11.80 -0.07
CA THR A 264 18.35 11.08 -0.28
C THR A 264 19.53 11.91 0.20
N ALA A 265 19.56 13.19 -0.15
CA ALA A 265 20.60 14.07 0.34
C ALA A 265 20.55 14.22 1.85
N ASP A 266 19.34 14.41 2.40
CA ASP A 266 19.19 14.63 3.83
C ASP A 266 19.70 13.44 4.65
N LEU A 267 19.41 12.22 4.18
CA LEU A 267 19.85 11.03 4.91
C LEU A 267 21.38 10.92 4.92
N VAL A 268 22.00 11.04 3.75
CA VAL A 268 23.46 11.05 3.66
C VAL A 268 24.02 12.23 4.44
N ARG A 269 23.30 13.36 4.42
CA ARG A 269 23.71 14.54 5.17
C ARG A 269 23.69 14.29 6.66
N ALA A 270 22.78 13.44 7.14
CA ALA A 270 22.76 13.05 8.54
C ALA A 270 23.87 12.06 8.85
N GLN A 271 24.24 11.21 7.89
CA GLN A 271 25.40 10.34 8.06
C GLN A 271 26.67 11.16 8.21
N GLN A 272 26.83 12.20 7.39
CA GLN A 272 28.00 13.05 7.49
C GLN A 272 28.03 13.81 8.81
N GLU A 273 26.87 14.08 9.39
CA GLU A 273 26.77 14.76 10.67
C GLU A 273 26.74 13.79 11.86
N GLY A 274 26.97 12.50 11.61
CA GLY A 274 27.16 11.55 12.69
C GLY A 274 26.02 10.61 13.01
N GLN A 275 24.94 10.60 12.22
CA GLN A 275 23.83 9.70 12.50
C GLN A 275 24.20 8.27 12.13
N GLU A 276 23.72 7.32 12.95
CA GLU A 276 24.06 5.91 12.78
C GLU A 276 23.15 5.29 11.73
N ILE A 277 23.55 5.46 10.47
CA ILE A 277 22.87 4.82 9.35
C ILE A 277 23.86 4.68 8.20
N THR A 278 23.97 3.47 7.65
CA THR A 278 24.96 3.19 6.62
C THR A 278 24.37 3.42 5.24
N ASP A 279 25.23 3.31 4.20
CA ASP A 279 24.78 3.48 2.83
C ASP A 279 23.87 2.35 2.39
N HIS A 280 24.04 1.16 2.97
CA HIS A 280 23.12 0.07 2.68
C HIS A 280 21.74 0.34 3.27
N GLU A 281 21.69 1.11 4.36
CA GLU A 281 20.41 1.44 4.97
C GLU A 281 19.78 2.66 4.30
N ILE A 282 20.58 3.66 3.93
CA ILE A 282 20.07 4.76 3.10
C ILE A 282 19.43 4.19 1.85
N ALA A 283 20.15 3.31 1.15
CA ALA A 283 19.63 2.72 -0.08
C ALA A 283 18.40 1.84 0.19
N SER A 284 18.34 1.20 1.35
CA SER A 284 17.16 0.40 1.67
C SER A 284 15.96 1.27 2.02
N LEU A 285 16.20 2.49 2.52
CA LEU A 285 15.12 3.41 2.79
C LEU A 285 14.49 3.93 1.49
N LEU A 286 15.30 4.06 0.44
CA LEU A 286 14.77 4.43 -0.86
C LEU A 286 14.00 3.28 -1.49
N TYR A 287 14.56 2.06 -1.37
CA TYR A 287 13.89 0.86 -1.88
C TYR A 287 12.52 0.67 -1.25
N SER A 288 12.34 1.13 -0.01
CA SER A 288 11.04 1.05 0.66
C SER A 288 10.11 2.15 0.20
N LEU A 289 10.61 3.40 0.16
CA LEU A 289 9.76 4.54 -0.13
C LEU A 289 9.40 4.62 -1.61
N LEU A 290 10.25 4.11 -2.49
CA LEU A 290 9.96 4.12 -3.91
C LEU A 290 9.10 2.95 -4.35
N PHE A 291 8.65 2.11 -3.40
CA PHE A 291 7.61 1.14 -3.64
C PHE A 291 6.35 1.45 -2.83
N ALA A 292 6.48 1.51 -1.51
CA ALA A 292 5.34 1.77 -0.65
C ALA A 292 4.82 3.18 -0.80
N GLY A 293 5.66 4.12 -1.24
CA GLY A 293 5.27 5.51 -1.33
C GLY A 293 4.34 5.84 -2.49
N HIS A 294 4.12 4.92 -3.43
CA HIS A 294 3.14 5.23 -4.47
C HIS A 294 2.12 4.14 -4.79
N GLU A 295 2.46 2.85 -4.76
CA GLU A 295 1.51 1.84 -5.22
C GLU A 295 0.26 1.81 -4.35
N THR A 296 0.43 1.83 -3.02
CA THR A 296 -0.72 1.88 -2.13
C THR A 296 -1.55 3.15 -2.37
N THR A 297 -0.87 4.26 -2.67
CA THR A 297 -1.56 5.53 -2.90
C THR A 297 -2.22 5.58 -4.28
N THR A 298 -1.64 4.91 -5.27
CA THR A 298 -2.33 4.73 -6.54
C THR A 298 -3.61 3.92 -6.35
N THR A 299 -3.53 2.85 -5.56
CA THR A 299 -4.70 2.01 -5.31
C THR A 299 -5.78 2.76 -4.55
N LEU A 300 -5.37 3.58 -3.56
CA LEU A 300 -6.36 4.32 -2.79
C LEU A 300 -7.11 5.34 -3.65
N ILE A 301 -6.40 6.02 -4.54
CA ILE A 301 -7.04 6.99 -5.42
C ILE A 301 -8.01 6.28 -6.36
N SER A 302 -7.56 5.16 -6.95
CA SER A 302 -8.42 4.40 -7.85
C SER A 302 -9.66 3.89 -7.14
N ASN A 303 -9.50 3.46 -5.88
CA ASN A 303 -10.63 2.93 -5.14
C ASN A 303 -11.58 4.02 -4.69
N CYS A 304 -11.07 5.22 -4.43
CA CYS A 304 -11.93 6.35 -4.09
C CYS A 304 -13.00 6.56 -5.15
N PHE A 305 -12.59 6.58 -6.42
CA PHE A 305 -13.57 6.74 -7.49
C PHE A 305 -14.32 5.45 -7.77
N ARG A 306 -13.70 4.29 -7.58
CA ARG A 306 -14.40 3.02 -7.76
C ARG A 306 -15.56 2.90 -6.77
N VAL A 307 -15.29 3.16 -5.50
CA VAL A 307 -16.29 2.90 -4.47
C VAL A 307 -17.31 4.03 -4.39
N LEU A 308 -16.90 5.28 -4.65
CA LEU A 308 -17.87 6.38 -4.60
C LEU A 308 -18.82 6.33 -5.79
N LEU A 309 -18.36 5.86 -6.95
CA LEU A 309 -19.24 5.74 -8.11
C LEU A 309 -20.13 4.52 -8.04
N ASP A 310 -19.78 3.52 -7.22
CA ASP A 310 -20.69 2.43 -6.92
C ASP A 310 -21.80 2.85 -5.98
N HIS A 311 -21.67 4.00 -5.33
CA HIS A 311 -22.66 4.52 -4.39
C HIS A 311 -22.97 5.95 -4.78
N PRO A 312 -23.72 6.15 -5.88
CA PRO A 312 -23.91 7.51 -6.40
C PRO A 312 -24.51 8.47 -5.41
N GLU A 313 -25.26 7.98 -4.42
CA GLU A 313 -25.88 8.85 -3.43
C GLU A 313 -24.82 9.60 -2.61
N GLN A 314 -23.67 8.98 -2.39
CA GLN A 314 -22.61 9.60 -1.58
C GLN A 314 -21.62 10.37 -2.43
N TRP A 315 -21.44 9.99 -3.70
CA TRP A 315 -20.85 10.89 -4.67
C TRP A 315 -21.67 12.17 -4.77
N GLN A 316 -22.99 12.02 -4.79
CA GLN A 316 -23.88 13.18 -4.87
C GLN A 316 -23.78 14.05 -3.63
N ALA A 317 -23.57 13.45 -2.46
CA ALA A 317 -23.36 14.25 -1.25
C ALA A 317 -21.98 14.90 -1.25
N ILE A 318 -20.99 14.25 -1.87
CA ILE A 318 -19.67 14.85 -2.02
C ILE A 318 -19.73 16.05 -2.97
N LEU A 319 -20.58 15.98 -3.99
CA LEU A 319 -20.76 17.12 -4.87
C LEU A 319 -21.40 18.29 -4.13
N GLU A 320 -22.45 18.01 -3.35
CA GLU A 320 -23.06 19.04 -2.51
C GLU A 320 -22.02 19.73 -1.63
N ASN A 321 -21.24 18.95 -0.90
CA ASN A 321 -20.43 19.44 0.20
C ASN A 321 -19.01 18.85 0.12
N PRO A 322 -18.06 19.56 -0.48
CA PRO A 322 -16.69 19.04 -0.58
C PRO A 322 -15.94 19.00 0.75
N LYS A 323 -16.53 19.47 1.85
CA LYS A 323 -15.89 19.32 3.15
C LYS A 323 -16.12 17.95 3.76
N LEU A 324 -16.98 17.12 3.16
CA LEU A 324 -17.13 15.72 3.53
C LEU A 324 -16.07 14.83 2.92
N ILE A 325 -15.26 15.37 2.01
CA ILE A 325 -14.29 14.55 1.28
C ILE A 325 -13.27 13.87 2.22
N PRO A 326 -12.68 14.57 3.20
CA PRO A 326 -11.74 13.86 4.10
C PRO A 326 -12.34 12.64 4.78
N ALA A 327 -13.56 12.75 5.30
CA ALA A 327 -14.18 11.59 5.94
C ALA A 327 -14.46 10.47 4.93
N ALA A 328 -14.81 10.83 3.69
CA ALA A 328 -14.96 9.84 2.65
C ALA A 328 -13.69 9.01 2.49
N VAL A 329 -12.53 9.68 2.49
CA VAL A 329 -11.26 8.97 2.35
C VAL A 329 -11.05 8.00 3.52
N ASP A 330 -11.44 8.43 4.73
CA ASP A 330 -11.32 7.54 5.88
C ASP A 330 -12.21 6.32 5.73
N GLU A 331 -13.37 6.47 5.09
CA GLU A 331 -14.27 5.34 4.91
C GLU A 331 -13.83 4.44 3.77
N VAL A 332 -13.26 5.00 2.70
CA VAL A 332 -12.68 4.17 1.65
C VAL A 332 -11.54 3.33 2.23
N LEU A 333 -10.72 3.94 3.09
CA LEU A 333 -9.59 3.21 3.68
C LEU A 333 -10.07 2.04 4.53
N ARG A 334 -11.20 2.22 5.22
CA ARG A 334 -11.77 1.12 6.02
C ARG A 334 -12.48 0.10 5.14
N TYR A 335 -13.26 0.57 4.18
CA TYR A 335 -14.08 -0.31 3.36
C TYR A 335 -13.28 -0.97 2.24
N SER A 336 -12.39 -0.21 1.59
CA SER A 336 -11.51 -0.75 0.54
C SER A 336 -10.08 -0.29 0.79
N GLY A 337 -9.37 -1.03 1.65
CA GLY A 337 -7.98 -0.72 1.91
C GLY A 337 -7.08 -1.21 0.79
N SER A 338 -5.98 -0.49 0.56
CA SER A 338 -5.02 -0.93 -0.43
C SER A 338 -4.42 -2.27 -0.04
N ILE A 339 -4.14 -2.46 1.25
CA ILE A 339 -3.63 -3.71 1.78
C ILE A 339 -4.72 -4.34 2.64
N VAL A 340 -5.10 -5.57 2.31
CA VAL A 340 -6.07 -6.31 3.10
C VAL A 340 -5.41 -7.28 4.08
N GLY A 341 -4.15 -7.62 3.87
CA GLY A 341 -3.47 -8.57 4.72
C GLY A 341 -2.00 -8.25 4.92
N TRP A 342 -1.51 -8.42 6.14
CA TRP A 342 -0.12 -8.14 6.48
C TRP A 342 0.36 -9.21 7.44
N ARG A 343 1.64 -9.56 7.33
CA ARG A 343 2.16 -10.76 7.94
C ARG A 343 3.01 -10.46 9.17
N ARG A 344 3.04 -11.43 10.08
CA ARG A 344 3.86 -11.36 11.28
C ARG A 344 4.35 -12.78 11.59
N LYS A 345 5.27 -12.87 12.54
CA LYS A 345 5.90 -14.14 12.88
C LYS A 345 5.96 -14.31 14.40
N ALA A 346 5.41 -15.41 14.89
CA ALA A 346 5.43 -15.69 16.32
C ALA A 346 6.85 -15.97 16.79
N LEU A 347 7.36 -15.14 17.69
CA LEU A 347 8.69 -15.33 18.26
C LEU A 347 8.71 -16.31 19.42
N LYS A 348 7.55 -16.77 19.88
CA LYS A 348 7.46 -17.73 20.96
C LYS A 348 6.10 -18.41 20.87
N ASP A 349 5.95 -19.51 21.60
CA ASP A 349 4.64 -20.14 21.72
C ASP A 349 3.68 -19.18 22.41
N THR A 350 2.51 -18.98 21.80
CA THR A 350 1.61 -17.93 22.22
C THR A 350 0.19 -18.31 21.81
N GLU A 351 -0.74 -17.38 21.96
CA GLU A 351 -2.11 -17.57 21.49
C GLU A 351 -2.61 -16.32 20.80
N ILE A 352 -3.43 -16.53 19.78
CA ILE A 352 -4.28 -15.50 19.20
C ILE A 352 -5.72 -15.95 19.34
N GLY A 353 -6.50 -15.18 20.11
CA GLY A 353 -7.93 -15.46 20.25
C GLY A 353 -8.26 -16.83 20.81
N GLY A 354 -7.43 -17.37 21.69
CA GLY A 354 -7.66 -18.68 22.27
C GLY A 354 -6.91 -19.82 21.62
N VAL A 355 -6.31 -19.59 20.46
CA VAL A 355 -5.75 -20.65 19.63
C VAL A 355 -4.24 -20.67 19.80
N ALA A 356 -3.70 -21.84 20.09
CA ALA A 356 -2.26 -21.98 20.34
C ALA A 356 -1.48 -21.88 19.04
N ILE A 357 -0.39 -21.12 19.08
CA ILE A 357 0.45 -20.88 17.91
C ILE A 357 1.90 -21.14 18.31
N LYS A 358 2.59 -21.96 17.52
CA LYS A 358 3.95 -22.35 17.85
C LYS A 358 4.93 -21.24 17.47
N GLU A 359 6.09 -21.26 18.13
CA GLU A 359 7.17 -20.34 17.80
C GLU A 359 7.58 -20.56 16.35
N GLY A 360 7.73 -19.45 15.61
CA GLY A 360 8.08 -19.53 14.21
C GLY A 360 6.91 -19.67 13.27
N ASP A 361 5.69 -19.79 13.77
CA ASP A 361 4.53 -19.81 12.90
C ASP A 361 4.30 -18.44 12.28
N GLY A 362 3.82 -18.44 11.03
CA GLY A 362 3.49 -17.21 10.36
C GLY A 362 2.04 -16.83 10.58
N VAL A 363 1.81 -15.53 10.78
CA VAL A 363 0.47 -14.99 11.02
C VAL A 363 0.12 -14.04 9.88
N LEU A 364 -1.08 -14.19 9.34
CA LEU A 364 -1.61 -13.29 8.33
C LEU A 364 -2.75 -12.51 8.94
N LEU A 365 -2.53 -11.22 9.19
CA LEU A 365 -3.53 -10.34 9.78
C LEU A 365 -4.36 -9.73 8.66
N LEU A 366 -5.63 -10.16 8.56
CA LEU A 366 -6.52 -9.69 7.50
C LEU A 366 -7.23 -8.44 8.00
N MET A 367 -6.60 -7.29 7.75
CA MET A 367 -7.14 -6.02 8.20
C MET A 367 -8.40 -5.64 7.42
N GLY A 368 -8.51 -6.08 6.16
CA GLY A 368 -9.74 -5.90 5.42
C GLY A 368 -10.93 -6.57 6.08
N SER A 369 -10.70 -7.70 6.75
CA SER A 369 -11.76 -8.34 7.53
C SER A 369 -11.98 -7.59 8.84
N ALA A 370 -10.90 -7.19 9.52
CA ALA A 370 -11.03 -6.47 10.78
C ALA A 370 -11.82 -5.18 10.60
N ASN A 371 -11.65 -4.52 9.46
CA ASN A 371 -12.32 -3.25 9.20
C ASN A 371 -13.83 -3.40 9.02
N ARG A 372 -14.35 -4.62 9.04
CA ARG A 372 -15.79 -4.85 8.91
C ARG A 372 -16.34 -5.68 10.06
N ASP A 373 -15.53 -5.92 11.09
CA ASP A 373 -15.97 -6.66 12.26
C ASP A 373 -17.17 -5.98 12.91
N GLU A 374 -18.28 -6.72 13.02
CA GLU A 374 -19.51 -6.15 13.58
C GLU A 374 -19.35 -5.75 15.04
N ALA A 375 -18.35 -6.27 15.74
CA ALA A 375 -18.13 -5.87 17.13
C ALA A 375 -17.51 -4.49 17.26
N ARG A 376 -17.09 -3.87 16.16
CA ARG A 376 -16.40 -2.58 16.21
C ARG A 376 -17.03 -1.61 15.23
N PHE A 377 -17.64 -2.15 14.17
CA PHE A 377 -18.28 -1.37 13.12
C PHE A 377 -19.67 -1.94 12.86
N GLU A 378 -20.71 -1.18 13.21
CA GLU A 378 -22.07 -1.62 12.97
C GLU A 378 -22.40 -1.46 11.49
N ASN A 379 -22.95 -2.51 10.88
CA ASN A 379 -23.13 -2.59 9.43
C ASN A 379 -21.80 -2.43 8.71
N GLY A 380 -20.81 -3.20 9.17
CA GLY A 380 -19.45 -3.05 8.66
C GLY A 380 -19.34 -3.27 7.16
N GLU A 381 -20.25 -4.03 6.58
CA GLU A 381 -20.19 -4.35 5.16
C GLU A 381 -20.77 -3.27 4.27
N GLU A 382 -21.30 -2.19 4.84
CA GLU A 382 -21.86 -1.09 4.06
C GLU A 382 -20.88 0.08 4.01
N PHE A 383 -20.80 0.72 2.85
CA PHE A 383 -19.94 1.89 2.67
C PHE A 383 -20.75 3.14 3.03
N ASP A 384 -20.32 3.83 4.08
CA ASP A 384 -21.05 4.97 4.63
C ASP A 384 -20.03 6.03 5.05
N ILE A 385 -19.94 7.12 4.30
CA ILE A 385 -18.92 8.14 4.57
C ILE A 385 -19.20 8.94 5.83
N SER A 386 -20.40 8.82 6.40
CA SER A 386 -20.73 9.49 7.65
C SER A 386 -20.40 8.64 8.88
N ARG A 387 -19.63 7.57 8.70
CA ARG A 387 -19.34 6.66 9.79
C ARG A 387 -18.52 7.33 10.88
N ALA A 388 -19.00 7.25 12.12
CA ALA A 388 -18.41 8.01 13.21
C ALA A 388 -17.00 7.54 13.56
N ASN A 389 -16.72 6.24 13.45
CA ASN A 389 -15.46 5.69 13.92
C ASN A 389 -14.66 5.03 12.79
N ALA A 390 -14.81 5.53 11.56
CA ALA A 390 -14.08 4.95 10.43
C ALA A 390 -12.58 5.03 10.63
N ARG A 391 -12.11 6.02 11.38
CA ARG A 391 -10.67 6.13 11.66
C ARG A 391 -10.16 5.04 12.59
N GLU A 392 -11.04 4.23 13.16
CA GLU A 392 -10.59 3.06 13.91
C GLU A 392 -10.10 1.94 13.01
N HIS A 393 -10.11 2.15 11.69
CA HIS A 393 -9.69 1.12 10.76
C HIS A 393 -8.20 0.82 10.92
N LEU A 394 -7.80 -0.35 10.43
CA LEU A 394 -6.42 -0.82 10.55
C LEU A 394 -5.75 -0.97 9.19
N SER A 395 -6.11 -0.12 8.22
CA SER A 395 -5.51 -0.21 6.90
C SER A 395 -4.11 0.37 6.83
N PHE A 396 -3.74 1.22 7.78
CA PHE A 396 -2.37 1.69 7.91
C PHE A 396 -1.58 0.92 8.97
N GLY A 397 -2.18 -0.12 9.55
CA GLY A 397 -1.55 -0.86 10.61
C GLY A 397 -1.80 -0.23 11.97
N PHE A 398 -0.96 -0.62 12.92
CA PHE A 398 -1.04 -0.12 14.29
C PHE A 398 0.23 -0.49 15.06
N GLY A 399 0.82 0.48 15.75
CA GLY A 399 1.97 0.18 16.58
C GLY A 399 3.28 0.76 16.04
N ILE A 400 4.36 -0.03 16.14
CA ILE A 400 5.68 0.51 15.81
C ILE A 400 5.97 0.56 14.32
N HIS A 401 5.13 -0.05 13.48
CA HIS A 401 5.33 -0.02 12.03
C HIS A 401 4.26 0.78 11.31
N TYR A 402 3.51 1.63 12.02
CA TYR A 402 2.43 2.40 11.42
C TYR A 402 2.93 3.17 10.21
N CYS A 403 2.09 3.25 9.18
CA CYS A 403 2.46 3.83 7.89
C CYS A 403 3.13 5.18 8.05
N LEU A 404 4.34 5.29 7.49
CA LEU A 404 5.12 6.51 7.64
C LEU A 404 4.51 7.67 6.85
N GLY A 405 3.86 7.38 5.72
CA GLY A 405 3.29 8.41 4.89
C GLY A 405 1.78 8.31 4.76
N ASN A 406 1.10 7.98 5.86
CA ASN A 406 -0.36 7.94 5.82
C ASN A 406 -0.94 9.30 5.44
N MET A 407 -0.37 10.38 5.98
CA MET A 407 -0.88 11.71 5.67
C MET A 407 -0.62 12.08 4.22
N LEU A 408 0.57 11.74 3.70
CA LEU A 408 0.90 12.06 2.32
C LEU A 408 0.01 11.31 1.34
N ALA A 409 -0.46 10.13 1.72
CA ALA A 409 -1.38 9.37 0.88
C ALA A 409 -2.79 9.96 0.93
N LYS A 410 -3.32 10.16 2.15
CA LYS A 410 -4.62 10.79 2.30
C LYS A 410 -4.63 12.18 1.67
N LEU A 411 -3.52 12.91 1.78
CA LEU A 411 -3.37 14.21 1.15
C LEU A 411 -3.79 14.17 -0.32
N GLN A 412 -3.16 13.27 -1.09
CA GLN A 412 -3.43 13.21 -2.51
C GLN A 412 -4.77 12.56 -2.82
N ALA A 413 -5.27 11.70 -1.93
CA ALA A 413 -6.61 11.16 -2.11
C ALA A 413 -7.66 12.25 -2.03
N LYS A 414 -7.54 13.15 -1.04
CA LYS A 414 -8.50 14.23 -0.91
C LYS A 414 -8.40 15.23 -2.07
N ILE A 415 -7.17 15.57 -2.48
CA ILE A 415 -6.99 16.53 -3.56
C ILE A 415 -7.57 16.00 -4.86
N CYS A 416 -7.49 14.68 -5.09
CA CYS A 416 -8.03 14.11 -6.31
C CYS A 416 -9.56 14.14 -6.31
N LEU A 417 -10.19 13.87 -5.17
CA LEU A 417 -11.63 13.98 -5.10
C LEU A 417 -12.09 15.42 -5.22
N GLU A 418 -11.40 16.34 -4.56
CA GLU A 418 -11.82 17.74 -4.54
C GLU A 418 -11.89 18.31 -5.95
N GLU A 419 -10.87 18.07 -6.77
CA GLU A 419 -10.81 18.69 -8.09
C GLU A 419 -11.48 17.87 -9.18
N VAL A 420 -11.61 16.55 -9.02
CA VAL A 420 -12.35 15.78 -10.01
C VAL A 420 -13.85 15.95 -9.84
N THR A 421 -14.32 16.12 -8.60
CA THR A 421 -15.74 16.41 -8.39
C THR A 421 -16.11 17.78 -8.93
N ARG A 422 -15.16 18.71 -8.95
CA ARG A 422 -15.42 20.05 -9.46
C ARG A 422 -15.40 20.08 -10.98
N LEU A 423 -14.28 19.65 -11.58
CA LEU A 423 -14.14 19.71 -13.03
C LEU A 423 -15.05 18.71 -13.72
N VAL A 424 -15.25 17.54 -13.12
CA VAL A 424 -16.09 16.50 -13.73
C VAL A 424 -17.15 16.04 -12.74
N PRO A 425 -18.21 16.83 -12.51
CA PRO A 425 -19.23 16.41 -11.55
C PRO A 425 -20.21 15.38 -12.09
N SER A 426 -20.21 15.16 -13.41
CA SER A 426 -21.07 14.16 -14.03
C SER A 426 -20.38 12.82 -14.20
N LEU A 427 -19.13 12.70 -13.75
CA LEU A 427 -18.37 11.47 -13.89
C LEU A 427 -19.14 10.28 -13.31
N HIS A 428 -19.05 9.15 -14.00
CA HIS A 428 -19.70 7.93 -13.54
C HIS A 428 -19.09 6.74 -14.27
N LEU A 429 -19.34 5.55 -13.73
CA LEU A 429 -18.73 4.33 -14.26
C LEU A 429 -19.29 3.99 -15.64
N VAL A 430 -18.47 3.27 -16.41
CA VAL A 430 -18.92 2.79 -17.72
C VAL A 430 -19.99 1.71 -17.56
N ALA A 431 -19.62 0.61 -16.90
CA ALA A 431 -20.52 -0.51 -16.66
C ALA A 431 -20.28 -1.04 -15.26
N ASP A 432 -20.97 -2.13 -14.93
CA ASP A 432 -20.93 -2.68 -13.58
C ASP A 432 -19.85 -3.74 -13.41
N LYS A 433 -19.49 -4.44 -14.48
CA LYS A 433 -18.60 -5.60 -14.38
C LYS A 433 -17.33 -5.39 -15.19
N ALA A 434 -16.68 -4.24 -15.03
CA ALA A 434 -15.52 -3.88 -15.84
C ALA A 434 -14.31 -3.52 -15.00
N ILE A 435 -14.20 -4.06 -13.79
CA ILE A 435 -13.07 -3.75 -12.91
C ILE A 435 -12.56 -5.05 -12.31
N GLY A 436 -11.37 -5.48 -12.73
CA GLY A 436 -10.73 -6.64 -12.15
C GLY A 436 -9.59 -6.27 -11.23
N PHE A 437 -9.18 -7.21 -10.38
CA PHE A 437 -8.10 -6.99 -9.42
C PHE A 437 -7.00 -8.02 -9.64
N ARG A 438 -5.76 -7.55 -9.72
CA ARG A 438 -4.62 -8.45 -9.75
C ARG A 438 -4.60 -9.35 -8.53
N GLU A 439 -4.43 -10.64 -8.75
CA GLU A 439 -4.34 -11.59 -7.64
C GLU A 439 -3.08 -11.32 -6.83
N ASN A 440 -3.24 -11.32 -5.51
CA ASN A 440 -2.17 -11.03 -4.58
C ASN A 440 -2.61 -11.50 -3.21
N LEU A 441 -1.65 -11.64 -2.30
CA LEU A 441 -2.03 -12.00 -0.95
C LEU A 441 -2.35 -10.79 -0.10
N SER A 442 -1.63 -9.68 -0.31
CA SER A 442 -1.76 -8.49 0.52
C SER A 442 -2.39 -7.32 -0.21
N PHE A 443 -1.97 -7.04 -1.45
CA PHE A 443 -2.38 -5.82 -2.14
C PHE A 443 -3.59 -6.11 -3.02
N ARG A 444 -4.63 -5.30 -2.86
CA ARG A 444 -5.87 -5.42 -3.62
C ARG A 444 -5.95 -4.23 -4.55
N VAL A 445 -5.37 -4.38 -5.74
CA VAL A 445 -5.20 -3.27 -6.68
C VAL A 445 -6.21 -3.44 -7.82
N PRO A 446 -7.11 -2.48 -8.03
CA PRO A 446 -7.94 -2.53 -9.24
C PRO A 446 -7.11 -2.18 -10.45
N THR A 447 -7.20 -3.02 -11.48
CA THR A 447 -6.39 -2.80 -12.67
C THR A 447 -6.87 -1.61 -13.50
N SER A 448 -8.14 -1.23 -13.37
CA SER A 448 -8.69 -0.12 -14.11
C SER A 448 -9.94 0.37 -13.40
N VAL A 449 -10.24 1.65 -13.57
CA VAL A 449 -11.53 2.21 -13.16
C VAL A 449 -12.11 2.92 -14.38
N PRO A 450 -12.79 2.20 -15.27
CA PRO A 450 -13.31 2.83 -16.49
C PRO A 450 -14.52 3.71 -16.18
N VAL A 451 -14.52 4.91 -16.75
CA VAL A 451 -15.53 5.92 -16.44
C VAL A 451 -15.89 6.68 -17.71
N THR A 452 -17.07 7.30 -17.68
CA THR A 452 -17.50 8.22 -18.72
C THR A 452 -18.13 9.44 -18.05
N TRP A 453 -18.46 10.45 -18.86
CA TRP A 453 -18.95 11.70 -18.32
C TRP A 453 -19.90 12.36 -19.32
N ASN A 454 -20.54 13.43 -18.88
CA ASN A 454 -21.46 14.20 -19.72
C ASN A 454 -20.65 15.14 -20.60
N ALA A 455 -20.36 14.70 -21.81
CA ALA A 455 -19.73 15.55 -22.82
C ALA A 455 -19.98 14.95 -24.20
CHA HEM B . 3.91 0.80 6.68
CHB HEM B . -0.42 0.71 4.48
CHC HEM B . 0.82 4.61 1.84
CHD HEM B . 5.35 4.21 3.54
C1A HEM B . 2.64 0.42 6.31
C2A HEM B . 1.89 -0.72 6.79
C3A HEM B . 0.70 -0.74 6.19
C4A HEM B . 0.65 0.38 5.28
CMA HEM B . -0.42 -1.78 6.41
CAA HEM B . 2.38 -1.73 7.85
CBA HEM B . 1.80 -1.28 9.20
CGA HEM B . 2.35 -2.12 10.32
O1A HEM B . 3.02 -3.14 10.04
O2A HEM B . 2.11 -1.74 11.50
C1B HEM B . -0.49 1.79 3.62
C2B HEM B . -1.68 2.23 2.93
C3B HEM B . -1.36 3.29 2.19
C4B HEM B . 0.06 3.58 2.40
CMB HEM B . -3.07 1.58 3.01
CAB HEM B . -2.40 4.03 1.32
CBB HEM B . -2.05 4.87 0.34
C1C HEM B . 2.14 4.88 2.11
C2C HEM B . 2.89 6.05 1.69
C3C HEM B . 4.15 5.93 2.16
C4C HEM B . 4.23 4.70 2.90
CMC HEM B . 2.28 7.20 0.83
CAC HEM B . 5.37 6.88 2.00
CBC HEM B . 5.39 8.03 1.29
C1D HEM B . 5.38 3.25 4.53
C2D HEM B . 6.55 2.78 5.25
C3D HEM B . 6.15 1.83 6.12
C4D HEM B . 4.71 1.68 5.98
CMD HEM B . 7.99 3.28 5.07
CAD HEM B . 7.05 1.06 7.11
CBD HEM B . 7.25 1.87 8.38
CGD HEM B . 7.85 1.02 9.47
O1D HEM B . 8.20 1.59 10.53
O2D HEM B . 7.97 -0.21 9.29
NA HEM B . 1.84 1.07 5.39
NB HEM B . 0.55 2.64 3.28
NC HEM B . 2.99 4.07 2.85
ND HEM B . 4.28 2.55 5.00
FE HEM B . 2.39 2.66 4.21
C06 FW6 C . 7.62 -1.49 2.37
C07 FW6 C . 7.47 -2.48 1.42
C08 FW6 C . 6.21 -2.98 1.14
C09 FW6 C . 5.11 -2.47 1.78
C10 FW6 C . 5.25 -1.47 2.72
C11 FW6 C . 4.02 -0.94 3.43
C12 FW6 C . 2.98 -0.49 2.43
C13 FW6 C . 6.51 -0.97 3.03
O01 FW6 C . 10.74 -1.27 4.42
O03 FW6 C . 11.14 -2.09 1.99
O04 FW6 C . 9.49 -3.34 3.54
O05 FW6 C . 8.90 -0.97 2.66
P02 FW6 C . 10.07 -1.93 3.15
C06 FW6 D . -12.27 -29.75 3.64
C07 FW6 D . -12.46 -31.09 3.93
C08 FW6 D . -13.33 -31.85 3.15
C09 FW6 D . -13.99 -31.27 2.09
C10 FW6 D . -13.79 -29.94 1.79
C11 FW6 D . -14.52 -29.30 0.62
C12 FW6 D . -13.87 -29.66 -0.70
C13 FW6 D . -12.94 -29.17 2.57
O01 FW6 D . -11.15 -26.46 4.14
O03 FW6 D . -10.22 -28.02 2.30
O04 FW6 D . -9.06 -27.89 4.57
O05 FW6 D . -11.38 -29.00 4.44
P02 FW6 D . -10.46 -27.85 3.85
#